data_6JDW
#
_entry.id   6JDW
#
_cell.length_a   83.620
_cell.length_b   83.620
_cell.length_c   200.380
_cell.angle_alpha   90.00
_cell.angle_beta   90.00
_cell.angle_gamma   90.00
#
_symmetry.space_group_name_H-M   'P 43 21 2'
#
loop_
_entity.id
_entity.type
_entity.pdbx_description
1 polymer 'PROTEIN (L-ARGININE:GLYCINE AMIDINOTRANSFERASE)'
2 non-polymer 'GAMMA-AMINO-BUTANOIC ACID'
3 water water
#
_entity_poly.entity_id   1
_entity_poly.type   'polypeptide(L)'
_entity_poly.pdbx_seq_one_letter_code
;STQAATASSRNSCAADDKATEPLPKDCPVSSYNEWDPLEEVIVGRAENACVPPFTIEVKANTYEKYWPFYQKQGGHYFPK
DHLKKAVAEIEEMCNILKTEGVTVRRPDPIDWSLKYKTPDFESTGLYSAMPRDILIVVGNEIIEAPMAWRSRFFEYRAYR
SIIKDYFHRGAKWTTAPKPTMADELYNQDYPIHSVEDRHKLAAQGKFVTTEFEPCFDAADFIRAGRDIFAQRSQVTNYLG
IEWMRRHLAPDYRVHIISFKDPNPMHIDATFNIIGPGIVLSNPDRPCHQIDLFKKAGWTIITPPTPIIPDDHPLWMSSKW
LSMNVLMLDEKRVMVDANEVPIQKMFEKLGITTIKVNIRNANSLGGGFHCWTCDVRRRGTLQSYLD
;
_entity_poly.pdbx_strand_id   A
#
# COMPACT_ATOMS: atom_id res chain seq x y z
N CYS A 27 -11.86 -7.53 21.74
CA CYS A 27 -10.71 -7.41 20.80
C CYS A 27 -10.88 -6.14 19.98
N PRO A 28 -9.89 -5.25 20.03
CA PRO A 28 -9.98 -4.00 19.27
C PRO A 28 -9.69 -4.17 17.78
N VAL A 29 -9.12 -5.30 17.41
CA VAL A 29 -8.76 -5.59 16.03
C VAL A 29 -9.80 -6.47 15.41
N SER A 30 -10.30 -6.08 14.25
CA SER A 30 -11.32 -6.85 13.58
C SER A 30 -11.72 -6.17 12.29
N SER A 31 -11.22 -6.67 11.16
CA SER A 31 -11.53 -6.07 9.86
C SER A 31 -11.44 -7.16 8.79
N TYR A 32 -12.54 -7.43 8.09
CA TYR A 32 -12.53 -8.48 7.07
C TYR A 32 -12.49 -7.97 5.66
N ASN A 33 -12.67 -6.66 5.49
CA ASN A 33 -12.69 -6.08 4.16
C ASN A 33 -12.31 -4.62 4.19
N GLU A 34 -12.42 -3.97 3.04
CA GLU A 34 -12.08 -2.56 2.85
C GLU A 34 -13.21 -1.53 2.99
N TRP A 35 -14.45 -1.98 3.19
CA TRP A 35 -15.61 -1.07 3.25
C TRP A 35 -16.53 -1.00 4.48
N ASP A 36 -16.61 -2.05 5.32
CA ASP A 36 -17.49 -2.01 6.49
C ASP A 36 -17.18 -0.75 7.32
N PRO A 37 -18.17 -0.24 8.05
CA PRO A 37 -18.06 0.95 8.88
C PRO A 37 -16.77 1.01 9.69
N LEU A 38 -15.93 1.99 9.38
CA LEU A 38 -14.64 2.16 10.04
C LEU A 38 -14.76 2.73 11.44
N GLU A 39 -14.04 2.12 12.36
CA GLU A 39 -14.02 2.53 13.77
C GLU A 39 -12.64 2.89 14.29
N GLU A 40 -11.60 2.19 13.82
CA GLU A 40 -10.24 2.51 14.26
C GLU A 40 -9.27 2.35 13.10
N VAL A 41 -8.30 3.24 13.01
CA VAL A 41 -7.35 3.20 11.91
C VAL A 41 -5.99 3.71 12.42
N ILE A 42 -4.91 3.30 11.75
CA ILE A 42 -3.58 3.78 12.10
C ILE A 42 -3.25 4.64 10.89
N VAL A 43 -2.78 5.87 11.14
CA VAL A 43 -2.41 6.81 10.08
C VAL A 43 -0.90 7.05 10.15
N GLY A 44 -0.23 6.98 9.00
CA GLY A 44 1.21 7.16 8.95
C GLY A 44 1.78 8.53 9.35
N ARG A 45 3.11 8.61 9.29
CA ARG A 45 3.88 9.79 9.63
C ARG A 45 4.84 10.14 8.52
N ALA A 46 5.00 11.43 8.28
CA ALA A 46 5.92 11.93 7.26
C ALA A 46 7.24 12.37 7.89
N GLU A 47 7.23 12.56 9.20
CA GLU A 47 8.42 13.00 9.92
C GLU A 47 9.67 12.16 9.67
N ASN A 48 10.79 12.86 9.45
CA ASN A 48 12.10 12.25 9.25
C ASN A 48 12.27 11.25 8.13
N ALA A 49 11.39 11.29 7.14
CA ALA A 49 11.47 10.40 6.02
C ALA A 49 12.82 10.61 5.35
N CYS A 50 13.44 9.53 4.88
CA CYS A 50 14.73 9.60 4.20
C CYS A 50 14.66 9.02 2.83
N VAL A 51 15.42 9.62 1.92
CA VAL A 51 15.49 9.16 0.56
C VAL A 51 16.29 7.85 0.64
N PRO A 52 15.72 6.73 0.16
CA PRO A 52 16.44 5.46 0.22
C PRO A 52 17.66 5.46 -0.70
N PRO A 53 18.73 4.73 -0.34
CA PRO A 53 19.89 4.72 -1.23
C PRO A 53 19.44 4.13 -2.57
N PHE A 54 20.05 4.57 -3.66
CA PHE A 54 19.68 4.08 -4.98
C PHE A 54 20.24 2.69 -5.30
N THR A 55 19.53 1.66 -4.87
CA THR A 55 19.95 0.30 -5.13
C THR A 55 19.00 -0.25 -6.18
N ILE A 56 19.30 -1.43 -6.71
CA ILE A 56 18.50 -2.05 -7.76
C ILE A 56 16.99 -2.15 -7.51
N GLU A 57 16.59 -2.58 -6.33
CA GLU A 57 15.15 -2.72 -6.03
C GLU A 57 14.42 -1.37 -5.94
N VAL A 58 15.15 -0.30 -5.60
CA VAL A 58 14.57 1.04 -5.56
C VAL A 58 14.41 1.51 -7.02
N LYS A 59 15.45 1.29 -7.82
CA LYS A 59 15.42 1.65 -9.22
C LYS A 59 14.28 0.98 -9.98
N ALA A 60 14.00 -0.28 -9.67
CA ALA A 60 12.94 -1.00 -10.35
C ALA A 60 11.56 -0.66 -9.86
N ASN A 61 11.45 0.19 -8.85
CA ASN A 61 10.13 0.58 -8.31
C ASN A 61 9.85 2.07 -8.42
N THR A 62 10.57 2.77 -9.30
CA THR A 62 10.41 4.22 -9.49
C THR A 62 10.52 4.64 -10.97
N TYR A 63 9.99 5.82 -11.30
CA TYR A 63 10.07 6.35 -12.66
C TYR A 63 11.45 6.91 -12.90
N GLU A 64 11.96 6.68 -14.10
CA GLU A 64 13.29 7.13 -14.52
C GLU A 64 13.51 8.61 -14.23
N LYS A 65 12.43 9.37 -14.33
CA LYS A 65 12.48 10.80 -14.10
C LYS A 65 13.17 11.12 -12.76
N TYR A 66 12.97 10.27 -11.77
CA TYR A 66 13.54 10.51 -10.44
C TYR A 66 14.81 9.75 -10.08
N TRP A 67 15.29 8.89 -10.97
CA TRP A 67 16.48 8.11 -10.66
C TRP A 67 17.64 9.00 -10.19
N PRO A 68 17.92 10.10 -10.91
CA PRO A 68 19.03 10.97 -10.45
C PRO A 68 18.77 11.65 -9.11
N PHE A 69 17.51 11.77 -8.73
CA PHE A 69 17.16 12.38 -7.44
C PHE A 69 17.64 11.41 -6.36
N TYR A 70 17.36 10.12 -6.57
CA TYR A 70 17.74 9.08 -5.63
C TYR A 70 19.24 8.92 -5.59
N GLN A 71 19.87 9.00 -6.77
CA GLN A 71 21.30 8.89 -6.86
C GLN A 71 22.02 9.95 -6.05
N LYS A 72 21.49 11.17 -6.03
CA LYS A 72 22.12 12.27 -5.30
C LYS A 72 21.65 12.42 -3.86
N GLN A 73 20.34 12.37 -3.66
CA GLN A 73 19.76 12.54 -2.35
C GLN A 73 19.76 11.33 -1.42
N GLY A 74 20.05 10.15 -1.97
CA GLY A 74 20.05 8.92 -1.19
C GLY A 74 20.74 9.02 0.15
N GLY A 75 20.03 8.71 1.23
CA GLY A 75 20.63 8.78 2.54
C GLY A 75 20.30 10.07 3.28
N HIS A 76 19.88 11.08 2.54
CA HIS A 76 19.51 12.35 3.17
C HIS A 76 17.99 12.34 3.35
N TYR A 77 17.46 13.34 4.07
CA TYR A 77 16.02 13.44 4.30
C TYR A 77 15.33 13.96 3.06
N PHE A 78 14.04 13.65 2.92
CA PHE A 78 13.29 14.18 1.78
C PHE A 78 13.25 15.69 2.07
N PRO A 79 13.08 16.51 1.03
CA PRO A 79 13.02 17.97 1.21
C PRO A 79 12.18 18.35 2.43
N LYS A 80 12.79 19.01 3.40
CA LYS A 80 12.05 19.34 4.61
C LYS A 80 10.88 20.31 4.52
N ASP A 81 10.94 21.27 3.60
CA ASP A 81 9.85 22.22 3.40
C ASP A 81 8.66 21.42 2.89
N HIS A 82 8.95 20.44 2.03
CA HIS A 82 7.90 19.57 1.48
C HIS A 82 7.30 18.67 2.56
N LEU A 83 8.16 18.09 3.40
CA LEU A 83 7.70 17.21 4.47
C LEU A 83 6.80 17.96 5.42
N LYS A 84 7.14 19.23 5.66
CA LYS A 84 6.39 20.09 6.56
C LYS A 84 4.95 20.31 6.09
N LYS A 85 4.77 20.47 4.78
CA LYS A 85 3.44 20.64 4.22
C LYS A 85 2.64 19.33 4.33
N ALA A 86 3.34 18.20 4.16
CA ALA A 86 2.73 16.87 4.27
C ALA A 86 2.27 16.61 5.72
N VAL A 87 3.10 16.96 6.71
CA VAL A 87 2.72 16.80 8.11
C VAL A 87 1.38 17.49 8.37
N ALA A 88 1.30 18.74 7.92
CA ALA A 88 0.09 19.57 8.06
C ALA A 88 -1.14 18.92 7.40
N GLU A 89 -0.98 18.43 6.17
CA GLU A 89 -2.04 17.75 5.43
C GLU A 89 -2.52 16.50 6.16
N ILE A 90 -1.60 15.73 6.72
CA ILE A 90 -1.95 14.51 7.43
C ILE A 90 -2.61 14.78 8.79
N GLU A 91 -2.23 15.87 9.43
CA GLU A 91 -2.82 16.25 10.72
C GLU A 91 -4.28 16.62 10.52
N GLU A 92 -4.56 17.31 9.41
CA GLU A 92 -5.91 17.71 9.08
C GLU A 92 -6.73 16.45 8.77
N MET A 93 -6.16 15.55 7.98
CA MET A 93 -6.82 14.29 7.67
C MET A 93 -7.20 13.59 8.99
N CYS A 94 -6.28 13.54 9.95
CA CYS A 94 -6.58 12.90 11.24
C CYS A 94 -7.72 13.60 11.97
N ASN A 95 -7.77 14.94 11.85
CA ASN A 95 -8.84 15.71 12.48
C ASN A 95 -10.17 15.29 11.89
N ILE A 96 -10.21 15.20 10.57
CA ILE A 96 -11.43 14.82 9.88
C ILE A 96 -11.86 13.37 10.23
N LEU A 97 -10.90 12.47 10.36
CA LEU A 97 -11.22 11.10 10.73
C LEU A 97 -11.89 11.09 12.11
N LYS A 98 -11.36 11.87 13.03
CA LYS A 98 -11.94 11.92 14.37
C LYS A 98 -13.35 12.48 14.30
N THR A 99 -13.53 13.47 13.43
CA THR A 99 -14.83 14.08 13.20
C THR A 99 -15.78 13.01 12.68
N GLU A 100 -15.30 12.18 11.76
CA GLU A 100 -16.12 11.11 11.21
C GLU A 100 -16.31 9.92 12.18
N GLY A 101 -15.89 10.10 13.43
CA GLY A 101 -16.05 9.06 14.43
C GLY A 101 -15.04 7.93 14.46
N VAL A 102 -13.90 8.09 13.78
CA VAL A 102 -12.89 7.05 13.74
C VAL A 102 -11.79 7.31 14.78
N THR A 103 -11.37 6.27 15.49
CA THR A 103 -10.28 6.38 16.45
C THR A 103 -8.98 6.26 15.64
N VAL A 104 -8.08 7.22 15.82
CA VAL A 104 -6.82 7.27 15.09
C VAL A 104 -5.59 7.00 15.96
N ARG A 105 -4.71 6.10 15.50
CA ARG A 105 -3.47 5.79 16.22
C ARG A 105 -2.38 6.19 15.25
N ARG A 106 -1.22 6.59 15.76
CA ARG A 106 -0.12 7.01 14.91
C ARG A 106 1.14 6.26 15.34
N PRO A 107 2.03 5.97 14.40
CA PRO A 107 3.27 5.27 14.75
C PRO A 107 4.18 6.19 15.56
N ASP A 108 5.21 5.63 16.18
CA ASP A 108 6.15 6.40 16.97
C ASP A 108 7.07 7.21 16.07
N PRO A 109 7.52 8.37 16.53
CA PRO A 109 8.43 9.21 15.73
C PRO A 109 9.80 8.54 15.80
N ILE A 110 10.46 8.43 14.67
CA ILE A 110 11.76 7.78 14.60
C ILE A 110 12.59 8.50 13.57
N ASP A 111 13.89 8.52 13.80
CA ASP A 111 14.78 9.12 12.83
C ASP A 111 15.16 8.00 11.88
N TRP A 112 14.70 8.09 10.65
CA TRP A 112 14.98 7.07 9.65
C TRP A 112 16.34 7.11 8.98
N SER A 113 17.16 8.08 9.37
CA SER A 113 18.47 8.22 8.74
C SER A 113 19.56 7.31 9.33
N LEU A 114 19.27 6.67 10.46
CA LEU A 114 20.18 5.77 11.14
C LEU A 114 20.57 4.63 10.21
N LYS A 115 21.87 4.42 10.09
CA LYS A 115 22.41 3.38 9.25
C LYS A 115 22.52 2.13 10.12
N TYR A 116 21.85 1.07 9.69
CA TYR A 116 21.91 -0.18 10.42
C TYR A 116 22.66 -1.16 9.53
N LYS A 117 23.06 -2.28 10.13
CA LYS A 117 23.82 -3.29 9.40
C LYS A 117 23.50 -4.69 9.86
N THR A 118 22.95 -5.50 8.98
CA THR A 118 22.66 -6.86 9.34
C THR A 118 23.87 -7.64 8.78
N PRO A 119 23.94 -8.97 8.99
CA PRO A 119 25.10 -9.68 8.45
C PRO A 119 25.08 -9.77 6.92
N ASP A 120 23.96 -9.39 6.32
CA ASP A 120 23.82 -9.45 4.87
C ASP A 120 23.97 -8.13 4.13
N PHE A 121 23.72 -7.01 4.81
CA PHE A 121 23.79 -5.71 4.14
C PHE A 121 23.80 -4.58 5.17
N GLU A 122 23.94 -3.38 4.64
CA GLU A 122 24.00 -2.17 5.42
C GLU A 122 23.07 -1.17 4.73
N SER A 123 22.32 -0.38 5.48
CA SER A 123 21.44 0.58 4.85
C SER A 123 20.91 1.60 5.83
N THR A 124 20.28 2.65 5.28
CA THR A 124 19.63 3.68 6.09
C THR A 124 18.12 3.39 5.89
N GLY A 125 17.26 3.98 6.73
CA GLY A 125 15.83 3.72 6.62
C GLY A 125 15.08 4.57 5.61
N LEU A 126 13.76 4.39 5.57
CA LEU A 126 12.87 5.13 4.68
C LEU A 126 11.94 6.00 5.52
N TYR A 127 10.80 5.44 5.95
CA TYR A 127 9.83 6.20 6.77
C TYR A 127 8.75 5.28 7.30
N SER A 128 7.76 5.83 7.99
CA SER A 128 6.64 5.02 8.45
C SER A 128 5.37 5.75 7.97
N ALA A 129 5.47 6.28 6.76
CA ALA A 129 4.36 7.02 6.15
C ALA A 129 3.21 6.13 5.73
N MET A 130 3.53 4.94 5.22
CA MET A 130 2.49 4.03 4.73
C MET A 130 2.24 2.78 5.56
N PRO A 131 1.28 2.82 6.50
CA PRO A 131 1.00 1.63 7.30
C PRO A 131 0.51 0.46 6.43
N ARG A 132 -0.14 0.76 5.31
CA ARG A 132 -0.67 -0.26 4.40
C ARG A 132 0.42 -1.10 3.74
N ASP A 133 1.63 -0.57 3.66
CA ASP A 133 2.73 -1.31 3.05
C ASP A 133 3.22 -2.42 3.96
N ILE A 134 3.10 -2.23 5.27
CA ILE A 134 3.62 -3.20 6.22
C ILE A 134 2.61 -3.96 7.09
N LEU A 135 1.43 -3.40 7.35
CA LEU A 135 0.44 -4.10 8.18
C LEU A 135 -0.81 -4.41 7.40
N ILE A 136 -1.32 -5.62 7.60
CA ILE A 136 -2.58 -6.03 7.00
C ILE A 136 -3.34 -6.71 8.13
N VAL A 137 -4.63 -6.42 8.23
CA VAL A 137 -5.48 -7.00 9.26
C VAL A 137 -6.46 -7.99 8.61
N VAL A 138 -6.42 -9.23 9.05
CA VAL A 138 -7.34 -10.23 8.52
C VAL A 138 -8.06 -10.76 9.76
N GLY A 139 -9.33 -10.39 9.89
CA GLY A 139 -10.09 -10.81 11.05
C GLY A 139 -9.56 -10.11 12.29
N ASN A 140 -9.24 -10.89 13.32
CA ASN A 140 -8.70 -10.38 14.57
C ASN A 140 -7.19 -10.50 14.61
N GLU A 141 -6.60 -10.71 13.44
CA GLU A 141 -5.16 -10.88 13.31
C GLU A 141 -4.45 -9.76 12.55
N ILE A 142 -3.42 -9.20 13.19
CA ILE A 142 -2.64 -8.14 12.59
C ILE A 142 -1.33 -8.78 12.14
N ILE A 143 -1.04 -8.65 10.84
CA ILE A 143 0.12 -9.24 10.21
C ILE A 143 1.17 -8.23 9.73
N GLU A 144 2.41 -8.44 10.13
CA GLU A 144 3.51 -7.58 9.72
C GLU A 144 4.17 -8.22 8.53
N ALA A 145 4.13 -7.53 7.40
CA ALA A 145 4.72 -8.00 6.17
C ALA A 145 6.25 -8.01 6.34
N PRO A 146 6.95 -8.85 5.56
CA PRO A 146 8.42 -8.94 5.65
C PRO A 146 9.12 -7.76 5.00
N MET A 147 8.52 -7.24 3.93
CA MET A 147 9.06 -6.14 3.11
C MET A 147 10.07 -6.74 2.13
N ALA A 148 10.58 -5.94 1.21
CA ALA A 148 11.53 -6.44 0.21
C ALA A 148 12.63 -5.43 -0.09
N TRP A 149 12.54 -4.26 0.53
CA TRP A 149 13.54 -3.20 0.33
C TRP A 149 14.46 -3.22 1.53
N ARG A 150 15.76 -3.09 1.30
CA ARG A 150 16.71 -3.09 2.39
C ARG A 150 16.48 -1.92 3.34
N SER A 151 16.04 -0.80 2.79
CA SER A 151 15.79 0.41 3.59
C SER A 151 14.48 0.34 4.40
N ARG A 152 13.71 -0.73 4.25
CA ARG A 152 12.47 -0.87 5.00
C ARG A 152 12.55 -2.04 5.95
N PHE A 153 13.76 -2.55 6.15
CA PHE A 153 13.97 -3.71 7.02
C PHE A 153 13.48 -3.52 8.43
N PHE A 154 13.81 -2.39 9.04
CA PHE A 154 13.41 -2.16 10.42
C PHE A 154 12.24 -1.21 10.55
N GLU A 155 11.40 -1.14 9.52
CA GLU A 155 10.25 -0.25 9.54
C GLU A 155 9.20 -0.61 10.62
N TYR A 156 9.10 -1.91 10.92
CA TYR A 156 8.16 -2.40 11.93
C TYR A 156 8.34 -1.75 13.31
N ARG A 157 9.55 -1.24 13.57
CA ARG A 157 9.85 -0.62 14.86
C ARG A 157 8.94 0.55 15.23
N ALA A 158 8.43 1.26 14.23
CA ALA A 158 7.55 2.40 14.52
C ALA A 158 6.16 1.98 14.96
N TYR A 159 5.75 0.79 14.56
CA TYR A 159 4.41 0.30 14.88
C TYR A 159 4.28 -0.62 16.09
N ARG A 160 5.41 -1.04 16.66
CA ARG A 160 5.37 -1.98 17.79
C ARG A 160 4.58 -1.56 19.01
N SER A 161 4.57 -0.28 19.35
CA SER A 161 3.82 0.15 20.53
C SER A 161 2.35 -0.06 20.33
N ILE A 162 1.87 0.24 19.14
CA ILE A 162 0.45 0.08 18.84
C ILE A 162 0.09 -1.40 18.86
N ILE A 163 0.91 -2.21 18.17
CA ILE A 163 0.64 -3.62 18.10
C ILE A 163 0.66 -4.31 19.45
N LYS A 164 1.64 -4.00 20.30
CA LYS A 164 1.70 -4.63 21.62
C LYS A 164 0.45 -4.33 22.43
N ASP A 165 -0.10 -3.14 22.22
CA ASP A 165 -1.31 -2.73 22.91
C ASP A 165 -2.50 -3.58 22.44
N TYR A 166 -2.64 -3.74 21.13
CA TYR A 166 -3.72 -4.55 20.62
C TYR A 166 -3.58 -5.98 21.10
N PHE A 167 -2.34 -6.44 21.20
CA PHE A 167 -2.03 -7.81 21.65
C PHE A 167 -2.45 -7.97 23.08
N HIS A 168 -2.06 -7.03 23.93
CA HIS A 168 -2.48 -7.09 25.33
C HIS A 168 -4.00 -7.16 25.42
N ARG A 169 -4.67 -6.45 24.52
CA ARG A 169 -6.13 -6.41 24.48
C ARG A 169 -6.81 -7.56 23.77
N GLY A 170 -6.05 -8.59 23.42
CA GLY A 170 -6.66 -9.76 22.81
C GLY A 170 -6.45 -10.07 21.35
N ALA A 171 -5.77 -9.20 20.60
CA ALA A 171 -5.60 -9.49 19.18
C ALA A 171 -4.51 -10.53 18.85
N LYS A 172 -4.65 -11.24 17.74
CA LYS A 172 -3.64 -12.18 17.32
C LYS A 172 -2.59 -11.35 16.58
N TRP A 173 -1.33 -11.72 16.77
CA TRP A 173 -0.23 -10.97 16.19
C TRP A 173 0.70 -11.91 15.46
N THR A 174 0.98 -11.59 14.20
CA THR A 174 1.83 -12.41 13.36
C THR A 174 2.85 -11.61 12.59
N THR A 175 4.07 -12.16 12.50
CA THR A 175 5.13 -11.55 11.71
C THR A 175 5.57 -12.62 10.70
N ALA A 176 5.36 -12.32 9.42
CA ALA A 176 5.76 -13.21 8.34
C ALA A 176 7.27 -13.24 8.41
N PRO A 177 7.90 -14.32 7.94
CA PRO A 177 9.37 -14.44 7.97
C PRO A 177 10.17 -13.28 7.39
N LYS A 178 10.90 -12.59 8.23
CA LYS A 178 11.74 -11.48 7.79
C LYS A 178 12.85 -12.04 6.88
N PRO A 179 12.94 -11.57 5.61
CA PRO A 179 13.97 -12.06 4.69
C PRO A 179 15.36 -11.63 5.12
N THR A 180 16.38 -12.28 4.56
CA THR A 180 17.77 -11.90 4.87
C THR A 180 18.10 -10.70 3.98
N MET A 181 17.42 -10.65 2.83
CA MET A 181 17.63 -9.60 1.84
C MET A 181 19.07 -9.63 1.35
N ALA A 182 19.62 -10.83 1.27
CA ALA A 182 20.97 -11.03 0.77
C ALA A 182 20.90 -10.79 -0.73
N ASP A 183 22.05 -10.62 -1.37
CA ASP A 183 22.10 -10.36 -2.80
C ASP A 183 21.27 -11.33 -3.61
N GLU A 184 21.17 -12.56 -3.15
CA GLU A 184 20.43 -13.61 -3.85
C GLU A 184 18.95 -13.31 -4.06
N LEU A 185 18.42 -12.38 -3.27
CA LEU A 185 17.00 -12.06 -3.41
C LEU A 185 16.77 -11.13 -4.60
N TYR A 186 17.80 -10.41 -5.01
CA TYR A 186 17.69 -9.47 -6.11
C TYR A 186 18.45 -9.87 -7.36
N ASN A 187 17.92 -9.47 -8.52
CA ASN A 187 18.58 -9.68 -9.81
C ASN A 187 19.32 -8.40 -10.05
N GLN A 188 20.54 -8.32 -9.50
CA GLN A 188 21.41 -7.13 -9.57
C GLN A 188 21.58 -6.53 -10.96
N ASP A 189 21.33 -7.36 -11.98
CA ASP A 189 21.48 -6.94 -13.37
C ASP A 189 20.16 -6.75 -14.11
N TYR A 190 19.07 -6.60 -13.35
CA TYR A 190 17.74 -6.39 -13.92
C TYR A 190 17.86 -5.33 -15.02
N PRO A 191 17.75 -5.75 -16.29
CA PRO A 191 17.84 -4.90 -17.48
C PRO A 191 16.73 -3.87 -17.67
N ILE A 192 16.62 -2.95 -16.73
CA ILE A 192 15.59 -1.95 -16.82
C ILE A 192 16.30 -0.61 -17.07
N HIS A 193 15.80 0.13 -18.05
CA HIS A 193 16.40 1.41 -18.39
C HIS A 193 15.32 2.47 -18.50
N SER A 194 14.08 1.99 -18.58
CA SER A 194 12.92 2.85 -18.68
C SER A 194 11.76 2.04 -18.14
N VAL A 195 10.69 2.72 -17.79
CA VAL A 195 9.51 2.05 -17.28
C VAL A 195 8.94 1.13 -18.37
N GLU A 196 9.19 1.47 -19.63
CA GLU A 196 8.70 0.63 -20.73
C GLU A 196 9.35 -0.76 -20.70
N ASP A 197 10.64 -0.81 -20.37
CA ASP A 197 11.37 -2.07 -20.28
C ASP A 197 10.81 -2.97 -19.17
N ARG A 198 10.62 -2.37 -17.99
CA ARG A 198 10.10 -3.08 -16.85
C ARG A 198 8.73 -3.70 -17.14
N HIS A 199 7.89 -3.00 -17.88
CA HIS A 199 6.58 -3.52 -18.22
C HIS A 199 6.73 -4.78 -19.05
N LYS A 200 7.72 -4.76 -19.94
CA LYS A 200 7.98 -5.89 -20.82
C LYS A 200 8.48 -7.06 -20.01
N LEU A 201 9.45 -6.81 -19.15
CA LEU A 201 10.01 -7.83 -18.27
C LEU A 201 8.92 -8.41 -17.38
N ALA A 202 8.11 -7.51 -16.81
CA ALA A 202 7.03 -7.89 -15.91
C ALA A 202 6.11 -8.86 -16.62
N ALA A 203 5.96 -8.64 -17.92
CA ALA A 203 5.10 -9.48 -18.75
C ALA A 203 5.74 -10.86 -19.00
N GLN A 204 7.07 -10.90 -19.01
CA GLN A 204 7.81 -12.14 -19.21
C GLN A 204 7.97 -12.88 -17.89
N GLY A 205 7.45 -12.32 -16.80
CA GLY A 205 7.56 -12.93 -15.50
C GLY A 205 8.88 -12.66 -14.83
N LYS A 206 9.57 -11.62 -15.29
CA LYS A 206 10.86 -11.25 -14.76
C LYS A 206 10.77 -10.01 -13.89
N PHE A 207 11.13 -10.16 -12.62
CA PHE A 207 11.10 -9.07 -11.65
C PHE A 207 12.45 -8.94 -10.96
N VAL A 208 12.66 -7.80 -10.31
CA VAL A 208 13.92 -7.56 -9.64
C VAL A 208 14.12 -8.52 -8.47
N THR A 209 13.04 -9.11 -7.97
CA THR A 209 13.12 -10.06 -6.87
C THR A 209 12.98 -11.47 -7.38
N THR A 210 13.91 -12.31 -6.95
CA THR A 210 13.96 -13.72 -7.30
C THR A 210 13.02 -14.41 -6.33
N GLU A 211 13.09 -15.73 -6.36
CA GLU A 211 12.29 -16.55 -5.48
C GLU A 211 13.22 -17.19 -4.45
N PHE A 212 14.30 -16.48 -4.11
CA PHE A 212 15.26 -16.97 -3.14
C PHE A 212 14.68 -17.22 -1.75
N GLU A 213 13.77 -16.36 -1.31
CA GLU A 213 13.14 -16.46 0.01
C GLU A 213 11.83 -15.67 -0.02
N PRO A 214 10.91 -15.90 0.93
CA PRO A 214 9.66 -15.13 0.90
C PRO A 214 9.87 -13.63 1.16
N CYS A 215 9.14 -12.80 0.42
CA CYS A 215 9.19 -11.36 0.61
C CYS A 215 7.90 -10.79 0.01
N PHE A 216 7.41 -9.71 0.60
CA PHE A 216 6.20 -9.06 0.13
C PHE A 216 5.82 -7.80 0.89
N ASP A 217 5.01 -6.95 0.25
CA ASP A 217 4.51 -5.75 0.90
C ASP A 217 3.06 -6.09 1.07
N ALA A 218 2.48 -5.74 2.22
CA ALA A 218 1.08 -6.03 2.49
C ALA A 218 0.13 -5.35 1.51
N ALA A 219 0.56 -4.21 0.95
CA ALA A 219 -0.27 -3.47 0.02
C ALA A 219 -0.49 -4.18 -1.31
N ASP A 220 0.16 -5.31 -1.53
CA ASP A 220 -0.03 -6.05 -2.77
C ASP A 220 -1.22 -6.99 -2.61
N PHE A 221 -1.83 -6.92 -1.43
CA PHE A 221 -2.98 -7.75 -1.09
C PHE A 221 -4.17 -6.81 -0.84
N ILE A 222 -5.36 -7.22 -1.27
CA ILE A 222 -6.57 -6.43 -1.08
C ILE A 222 -7.64 -7.41 -0.60
N ARG A 223 -8.36 -7.00 0.44
CA ARG A 223 -9.35 -7.86 1.08
C ARG A 223 -10.82 -7.70 0.72
N ALA A 224 -11.50 -8.85 0.60
CA ALA A 224 -12.94 -8.94 0.30
C ALA A 224 -13.53 -10.11 1.09
N GLY A 225 -13.41 -10.08 2.42
CA GLY A 225 -13.96 -11.17 3.24
C GLY A 225 -13.18 -12.47 3.14
N ARG A 226 -13.81 -13.54 2.68
CA ARG A 226 -13.11 -14.83 2.55
C ARG A 226 -12.12 -14.90 1.40
N ASP A 227 -12.14 -13.92 0.52
CA ASP A 227 -11.25 -13.91 -0.61
C ASP A 227 -10.34 -12.70 -0.58
N ILE A 228 -9.04 -12.96 -0.70
CA ILE A 228 -8.02 -11.94 -0.69
C ILE A 228 -7.33 -12.02 -2.03
N PHE A 229 -7.03 -10.87 -2.63
CA PHE A 229 -6.40 -10.85 -3.94
C PHE A 229 -5.00 -10.27 -3.86
N ALA A 230 -4.07 -10.94 -4.53
CA ALA A 230 -2.68 -10.54 -4.51
C ALA A 230 -2.15 -10.54 -5.91
N GLN A 231 -1.07 -9.80 -6.12
CA GLN A 231 -0.42 -9.74 -7.42
C GLN A 231 1.07 -9.95 -7.14
N ARG A 232 1.72 -10.75 -7.98
CA ARG A 232 3.16 -10.95 -7.88
C ARG A 232 3.65 -9.64 -8.47
N SER A 233 4.48 -8.90 -7.73
CA SER A 233 5.00 -7.62 -8.19
C SER A 233 6.51 -7.58 -7.98
N GLN A 234 7.13 -6.41 -8.17
CA GLN A 234 8.56 -6.29 -7.98
C GLN A 234 8.99 -6.59 -6.54
N VAL A 235 8.09 -6.39 -5.57
CA VAL A 235 8.42 -6.63 -4.17
C VAL A 235 7.71 -7.81 -3.50
N THR A 236 6.76 -8.42 -4.20
CA THR A 236 6.01 -9.54 -3.66
C THR A 236 6.17 -10.74 -4.60
N ASN A 237 6.92 -11.74 -4.16
CA ASN A 237 7.14 -12.93 -4.99
C ASN A 237 6.17 -14.05 -4.72
N TYR A 238 6.21 -15.08 -5.54
CA TYR A 238 5.31 -16.19 -5.35
C TYR A 238 5.48 -16.92 -4.04
N LEU A 239 6.70 -16.94 -3.53
CA LEU A 239 6.93 -17.58 -2.25
C LEU A 239 6.24 -16.78 -1.16
N GLY A 240 6.24 -15.45 -1.30
CA GLY A 240 5.60 -14.57 -0.34
C GLY A 240 4.09 -14.77 -0.37
N ILE A 241 3.51 -14.84 -1.56
CA ILE A 241 2.07 -15.07 -1.69
C ILE A 241 1.67 -16.47 -1.18
N GLU A 242 2.49 -17.48 -1.47
CA GLU A 242 2.23 -18.84 -1.01
C GLU A 242 2.26 -18.91 0.51
N TRP A 243 3.15 -18.15 1.14
CA TRP A 243 3.22 -18.11 2.60
C TRP A 243 1.90 -17.61 3.15
N MET A 244 1.41 -16.50 2.60
CA MET A 244 0.13 -15.91 3.02
C MET A 244 -0.99 -16.92 2.81
N ARG A 245 -1.01 -17.50 1.63
CA ARG A 245 -2.00 -18.51 1.25
C ARG A 245 -1.99 -19.66 2.25
N ARG A 246 -0.80 -20.19 2.53
CA ARG A 246 -0.70 -21.32 3.43
C ARG A 246 -1.01 -20.97 4.88
N HIS A 247 -0.63 -19.76 5.28
CA HIS A 247 -0.85 -19.28 6.63
C HIS A 247 -2.31 -19.01 6.94
N LEU A 248 -3.09 -18.56 5.94
CA LEU A 248 -4.50 -18.20 6.16
C LEU A 248 -5.55 -19.26 5.84
N ALA A 249 -5.15 -20.25 5.06
CA ALA A 249 -6.03 -21.35 4.71
C ALA A 249 -6.38 -22.01 6.05
N PRO A 250 -7.57 -22.63 6.14
CA PRO A 250 -8.61 -22.76 5.13
C PRO A 250 -9.65 -21.63 5.13
N ASP A 251 -9.71 -20.85 6.21
CA ASP A 251 -10.69 -19.76 6.32
C ASP A 251 -10.65 -18.73 5.21
N TYR A 252 -9.46 -18.39 4.76
CA TYR A 252 -9.32 -17.41 3.71
C TYR A 252 -8.72 -18.06 2.49
N ARG A 253 -9.01 -17.48 1.32
CA ARG A 253 -8.49 -17.97 0.06
C ARG A 253 -7.76 -16.80 -0.54
N VAL A 254 -6.48 -17.00 -0.87
CA VAL A 254 -5.64 -15.97 -1.47
C VAL A 254 -5.54 -16.27 -2.96
N HIS A 255 -5.98 -15.33 -3.80
CA HIS A 255 -5.96 -15.50 -5.26
C HIS A 255 -4.90 -14.60 -5.86
N ILE A 256 -4.27 -15.05 -6.94
CA ILE A 256 -3.27 -14.25 -7.59
C ILE A 256 -3.87 -13.70 -8.87
N ILE A 257 -3.81 -12.38 -9.03
CA ILE A 257 -4.34 -11.77 -10.24
C ILE A 257 -3.23 -10.96 -10.85
N SER A 258 -3.37 -10.64 -12.13
CA SER A 258 -2.35 -9.89 -12.83
C SER A 258 -2.98 -8.83 -13.69
N PHE A 259 -2.16 -7.87 -14.08
CA PHE A 259 -2.62 -6.73 -14.86
C PHE A 259 -1.67 -6.36 -15.97
N LYS A 260 -2.15 -5.56 -16.91
CA LYS A 260 -1.31 -5.07 -17.99
C LYS A 260 -0.59 -3.83 -17.44
N ASP A 261 0.69 -3.68 -17.79
CA ASP A 261 1.49 -2.54 -17.35
C ASP A 261 1.20 -2.22 -15.88
N PRO A 262 1.43 -3.20 -15.01
CA PRO A 262 1.19 -3.09 -13.57
C PRO A 262 2.11 -2.11 -12.86
N ASN A 263 1.69 -1.68 -11.67
CA ASN A 263 2.50 -0.80 -10.86
C ASN A 263 3.62 -1.71 -10.28
N PRO A 264 4.87 -1.21 -10.23
CA PRO A 264 5.97 -2.03 -9.69
C PRO A 264 5.72 -2.58 -8.30
N MET A 265 4.88 -1.89 -7.54
CA MET A 265 4.56 -2.35 -6.21
C MET A 265 3.23 -1.78 -5.75
N HIS A 266 2.45 -2.63 -5.09
CA HIS A 266 1.16 -2.28 -4.52
C HIS A 266 0.03 -2.38 -5.51
N ILE A 267 -1.09 -2.90 -5.03
CA ILE A 267 -2.29 -3.16 -5.83
C ILE A 267 -3.42 -2.15 -5.66
N ASP A 268 -3.41 -1.40 -4.55
CA ASP A 268 -4.48 -0.44 -4.23
C ASP A 268 -4.76 0.82 -5.07
N ALA A 269 -4.02 1.03 -6.15
CA ALA A 269 -4.28 2.13 -7.08
C ALA A 269 -4.37 1.45 -8.47
N THR A 270 -4.77 0.19 -8.47
CA THR A 270 -4.90 -0.58 -9.70
C THR A 270 -6.22 -1.35 -9.66
N PHE A 271 -6.56 -1.87 -8.49
CA PHE A 271 -7.76 -2.65 -8.31
C PHE A 271 -8.17 -2.38 -6.87
N ASN A 272 -8.90 -1.28 -6.65
CA ASN A 272 -9.34 -0.92 -5.31
C ASN A 272 -10.78 -1.40 -5.09
N ILE A 273 -10.97 -2.39 -4.22
CA ILE A 273 -12.30 -2.92 -3.95
C ILE A 273 -12.98 -1.96 -2.99
N ILE A 274 -14.06 -1.31 -3.42
CA ILE A 274 -14.75 -0.32 -2.60
C ILE A 274 -16.08 -0.71 -1.99
N GLY A 275 -16.48 -1.95 -2.21
CA GLY A 275 -17.75 -2.38 -1.63
C GLY A 275 -17.96 -3.82 -1.98
N PRO A 276 -19.04 -4.43 -1.51
CA PRO A 276 -19.38 -5.82 -1.77
C PRO A 276 -19.64 -6.03 -3.24
N GLY A 277 -18.65 -6.52 -3.97
CA GLY A 277 -18.89 -6.76 -5.38
C GLY A 277 -18.67 -5.56 -6.27
N ILE A 278 -17.94 -4.56 -5.75
CA ILE A 278 -17.66 -3.34 -6.51
C ILE A 278 -16.18 -3.05 -6.47
N VAL A 279 -15.61 -2.77 -7.62
CA VAL A 279 -14.20 -2.50 -7.66
C VAL A 279 -13.86 -1.40 -8.67
N LEU A 280 -12.84 -0.63 -8.32
CA LEU A 280 -12.31 0.43 -9.17
C LEU A 280 -11.14 -0.19 -9.94
N SER A 281 -11.27 -0.29 -11.26
CA SER A 281 -10.24 -0.87 -12.08
C SER A 281 -9.56 0.21 -12.88
N ASN A 282 -8.27 0.40 -12.60
CA ASN A 282 -7.47 1.41 -13.28
C ASN A 282 -7.53 1.12 -14.76
N PRO A 283 -8.00 2.09 -15.57
CA PRO A 283 -8.10 1.92 -17.02
C PRO A 283 -6.76 1.61 -17.73
N ASP A 284 -5.66 2.10 -17.19
CA ASP A 284 -4.35 1.84 -17.79
C ASP A 284 -3.78 0.47 -17.43
N ARG A 285 -4.32 -0.17 -16.39
CA ARG A 285 -3.81 -1.46 -15.92
C ARG A 285 -4.91 -2.51 -15.87
N PRO A 286 -5.48 -2.84 -17.03
CA PRO A 286 -6.55 -3.84 -17.08
C PRO A 286 -6.13 -5.19 -16.46
N CYS A 287 -7.06 -5.81 -15.75
CA CYS A 287 -6.83 -7.09 -15.09
C CYS A 287 -7.04 -8.28 -16.04
N HIS A 288 -6.05 -9.16 -16.12
CA HIS A 288 -6.12 -10.34 -16.98
C HIS A 288 -7.27 -11.27 -16.60
N GLN A 289 -7.61 -11.29 -15.32
CA GLN A 289 -8.66 -12.17 -14.83
C GLN A 289 -9.97 -11.43 -14.59
N ILE A 290 -10.20 -10.35 -15.33
CA ILE A 290 -11.43 -9.57 -15.13
C ILE A 290 -12.72 -10.39 -15.26
N ASP A 291 -12.72 -11.37 -16.16
CA ASP A 291 -13.90 -12.20 -16.36
C ASP A 291 -14.31 -13.04 -15.17
N LEU A 292 -13.37 -13.37 -14.30
CA LEU A 292 -13.72 -14.12 -13.09
C LEU A 292 -14.70 -13.25 -12.28
N PHE A 293 -14.44 -11.94 -12.29
CA PHE A 293 -15.25 -10.99 -11.57
C PHE A 293 -16.58 -10.67 -12.25
N LYS A 294 -16.55 -10.55 -13.58
CA LYS A 294 -17.80 -10.31 -14.32
C LYS A 294 -18.73 -11.49 -14.10
N LYS A 295 -18.16 -12.70 -14.13
CA LYS A 295 -18.95 -13.91 -13.89
C LYS A 295 -19.56 -13.95 -12.49
N ALA A 296 -18.89 -13.33 -11.52
CA ALA A 296 -19.37 -13.31 -10.13
C ALA A 296 -20.45 -12.24 -9.92
N GLY A 297 -20.69 -11.43 -10.95
CA GLY A 297 -21.70 -10.39 -10.86
C GLY A 297 -21.18 -9.14 -10.20
N TRP A 298 -19.87 -8.91 -10.34
CA TRP A 298 -19.22 -7.75 -9.77
C TRP A 298 -19.30 -6.56 -10.72
N THR A 299 -19.50 -5.38 -10.15
CA THR A 299 -19.57 -4.14 -10.90
C THR A 299 -18.16 -3.59 -11.01
N ILE A 300 -17.61 -3.57 -12.21
CA ILE A 300 -16.28 -3.01 -12.41
C ILE A 300 -16.42 -1.58 -12.92
N ILE A 301 -15.96 -0.62 -12.11
CA ILE A 301 -16.01 0.80 -12.41
C ILE A 301 -14.63 1.29 -12.86
N THR A 302 -14.54 2.01 -13.96
CA THR A 302 -13.24 2.55 -14.36
C THR A 302 -13.28 4.07 -14.10
N PRO A 303 -12.49 4.55 -13.14
CA PRO A 303 -12.44 5.96 -12.78
C PRO A 303 -11.92 6.86 -13.89
N PRO A 304 -12.26 8.16 -13.80
CA PRO A 304 -11.79 9.10 -14.81
C PRO A 304 -10.33 9.37 -14.51
N THR A 305 -9.62 9.96 -15.46
CA THR A 305 -8.21 10.23 -15.28
C THR A 305 -7.89 11.27 -14.20
N PRO A 306 -6.70 11.16 -13.59
CA PRO A 306 -6.27 12.09 -12.56
C PRO A 306 -6.02 13.45 -13.20
N ILE A 307 -6.07 14.49 -12.38
CA ILE A 307 -5.82 15.84 -12.89
C ILE A 307 -4.58 16.48 -12.24
N ILE A 308 -3.87 15.70 -11.43
CA ILE A 308 -2.67 16.19 -10.76
C ILE A 308 -1.64 16.67 -11.79
N PRO A 309 -1.05 17.85 -11.55
CA PRO A 309 -0.06 18.47 -12.43
C PRO A 309 1.16 17.60 -12.59
N ASP A 310 1.65 17.52 -13.81
CA ASP A 310 2.83 16.74 -14.16
C ASP A 310 4.10 17.31 -13.56
N ASP A 311 4.07 18.56 -13.14
CA ASP A 311 5.26 19.14 -12.53
C ASP A 311 5.33 18.81 -11.04
N HIS A 312 4.22 18.40 -10.45
CA HIS A 312 4.22 18.06 -9.03
C HIS A 312 4.99 16.77 -8.81
N PRO A 313 5.97 16.79 -7.91
CA PRO A 313 6.77 15.60 -7.62
C PRO A 313 6.05 14.44 -6.93
N LEU A 314 6.20 13.28 -7.54
CA LEU A 314 5.67 12.03 -7.00
C LEU A 314 6.89 11.12 -7.03
N TRP A 315 7.69 11.14 -5.97
CA TRP A 315 8.91 10.36 -5.89
C TRP A 315 8.68 8.87 -6.04
N MET A 316 7.52 8.42 -5.59
CA MET A 316 7.13 7.02 -5.69
C MET A 316 5.69 7.07 -6.18
N SER A 317 5.17 5.96 -6.64
CA SER A 317 3.80 5.89 -7.12
C SER A 317 3.64 6.62 -8.46
N SER A 318 2.41 6.63 -8.94
CA SER A 318 2.05 7.28 -10.19
C SER A 318 0.95 8.30 -9.90
N LYS A 319 0.44 8.95 -10.95
CA LYS A 319 -0.63 9.93 -10.82
C LYS A 319 -1.94 9.30 -10.39
N TRP A 320 -2.04 7.98 -10.51
CA TRP A 320 -3.25 7.27 -10.15
C TRP A 320 -3.63 7.19 -8.68
N LEU A 321 -2.95 7.96 -7.84
CA LEU A 321 -3.25 7.97 -6.43
C LEU A 321 -4.67 8.45 -6.20
N SER A 322 -5.24 9.05 -7.23
CA SER A 322 -6.61 9.55 -7.17
C SER A 322 -7.60 8.45 -6.81
N MET A 323 -7.32 7.24 -7.27
CA MET A 323 -8.24 6.13 -6.99
C MET A 323 -7.81 5.31 -5.77
N ASN A 324 -6.81 5.80 -5.05
CA ASN A 324 -6.32 5.14 -3.87
C ASN A 324 -7.17 5.62 -2.67
N VAL A 325 -8.48 5.58 -2.84
CA VAL A 325 -9.43 6.03 -1.84
C VAL A 325 -9.55 5.08 -0.66
N LEU A 326 -10.06 5.60 0.46
CA LEU A 326 -10.29 4.82 1.67
C LEU A 326 -11.80 4.96 1.96
N MET A 327 -12.50 3.85 2.17
CA MET A 327 -13.93 3.90 2.44
C MET A 327 -14.20 3.94 3.94
N LEU A 328 -14.96 4.93 4.40
CA LEU A 328 -15.31 5.04 5.81
C LEU A 328 -16.44 4.05 6.05
N ASP A 329 -17.18 3.80 4.98
CA ASP A 329 -18.25 2.82 4.93
C ASP A 329 -18.64 2.68 3.47
N GLU A 330 -19.64 1.87 3.16
CA GLU A 330 -20.03 1.68 1.77
C GLU A 330 -20.45 2.93 0.99
N LYS A 331 -21.00 3.91 1.71
CA LYS A 331 -21.49 5.14 1.10
C LYS A 331 -20.69 6.39 1.47
N ARG A 332 -19.52 6.24 2.06
CA ARG A 332 -18.70 7.39 2.45
C ARG A 332 -17.27 7.10 2.08
N VAL A 333 -16.71 7.95 1.23
CA VAL A 333 -15.35 7.77 0.78
C VAL A 333 -14.52 9.02 1.02
N MET A 334 -13.26 8.83 1.42
CA MET A 334 -12.34 9.92 1.63
C MET A 334 -11.58 9.98 0.31
N VAL A 335 -11.77 11.09 -0.41
CA VAL A 335 -11.19 11.28 -1.73
C VAL A 335 -10.43 12.60 -1.76
N ASP A 336 -9.42 12.69 -2.60
CA ASP A 336 -8.59 13.89 -2.71
C ASP A 336 -9.44 15.10 -3.14
N ALA A 337 -9.28 16.20 -2.41
CA ALA A 337 -10.02 17.43 -2.68
C ALA A 337 -9.82 18.00 -4.07
N ASN A 338 -8.63 17.80 -4.63
CA ASN A 338 -8.33 18.34 -5.95
C ASN A 338 -8.90 17.56 -7.10
N GLU A 339 -9.11 16.26 -6.92
CA GLU A 339 -9.59 15.40 -8.00
C GLU A 339 -11.07 15.41 -8.24
N VAL A 340 -11.56 16.53 -8.74
CA VAL A 340 -12.99 16.71 -8.96
C VAL A 340 -13.67 15.66 -9.81
N PRO A 341 -13.04 15.25 -10.93
CA PRO A 341 -13.65 14.23 -11.80
C PRO A 341 -13.98 12.92 -11.10
N ILE A 342 -13.09 12.38 -10.26
CA ILE A 342 -13.40 11.12 -9.57
C ILE A 342 -14.39 11.38 -8.42
N GLN A 343 -14.45 12.63 -7.98
CA GLN A 343 -15.42 13.02 -6.94
C GLN A 343 -16.81 12.89 -7.55
N LYS A 344 -17.00 13.49 -8.72
CA LYS A 344 -18.29 13.46 -9.41
C LYS A 344 -18.77 12.05 -9.67
N MET A 345 -17.84 11.17 -10.02
CA MET A 345 -18.17 9.77 -10.26
C MET A 345 -18.82 9.16 -9.03
N PHE A 346 -18.17 9.31 -7.88
CA PHE A 346 -18.70 8.75 -6.64
C PHE A 346 -20.04 9.38 -6.32
N GLU A 347 -20.17 10.68 -6.57
CA GLU A 347 -21.43 11.36 -6.28
C GLU A 347 -22.59 10.87 -7.10
N LYS A 348 -22.38 10.60 -8.38
CA LYS A 348 -23.48 10.09 -9.21
C LYS A 348 -23.82 8.68 -8.77
N LEU A 349 -22.91 8.05 -8.03
CA LEU A 349 -23.10 6.68 -7.53
C LEU A 349 -23.78 6.68 -6.16
N GLY A 350 -24.01 7.88 -5.62
CA GLY A 350 -24.66 7.99 -4.32
C GLY A 350 -23.72 7.80 -3.14
N ILE A 351 -22.43 7.97 -3.38
CA ILE A 351 -21.45 7.81 -2.33
C ILE A 351 -20.99 9.20 -1.92
N THR A 352 -21.19 9.52 -0.65
CA THR A 352 -20.81 10.81 -0.10
C THR A 352 -19.31 11.00 -0.11
N THR A 353 -18.84 12.12 -0.66
CA THR A 353 -17.41 12.39 -0.73
C THR A 353 -16.89 13.29 0.41
N ILE A 354 -15.89 12.80 1.13
CA ILE A 354 -15.26 13.55 2.21
C ILE A 354 -13.96 13.97 1.58
N LYS A 355 -13.90 15.22 1.14
CA LYS A 355 -12.75 15.75 0.45
C LYS A 355 -11.68 16.23 1.37
N VAL A 356 -10.45 15.76 1.16
CA VAL A 356 -9.33 16.15 1.98
C VAL A 356 -8.18 16.37 1.02
N ASN A 357 -7.36 17.37 1.26
CA ASN A 357 -6.23 17.62 0.36
C ASN A 357 -4.94 17.06 0.93
N ILE A 358 -4.30 16.17 0.18
CA ILE A 358 -3.03 15.58 0.61
C ILE A 358 -2.07 15.54 -0.56
N ARG A 359 -2.12 16.60 -1.36
CA ARG A 359 -1.30 16.75 -2.54
C ARG A 359 0.20 16.60 -2.23
N ASN A 360 0.66 17.16 -1.11
CA ASN A 360 2.08 17.05 -0.76
C ASN A 360 2.47 15.72 -0.12
N ALA A 361 1.52 15.12 0.58
CA ALA A 361 1.71 13.81 1.20
C ALA A 361 1.82 12.74 0.10
N ASN A 362 1.11 12.98 -1.01
CA ASN A 362 1.11 12.11 -2.17
C ASN A 362 2.54 11.89 -2.68
N SER A 363 3.38 12.90 -2.58
CA SER A 363 4.74 12.79 -3.10
C SER A 363 5.52 11.64 -2.49
N LEU A 364 5.17 11.31 -1.25
CA LEU A 364 5.82 10.22 -0.53
C LEU A 364 5.47 8.83 -1.07
N GLY A 365 4.46 8.75 -1.94
CA GLY A 365 4.08 7.49 -2.53
C GLY A 365 2.69 6.95 -2.26
N GLY A 366 1.84 7.73 -1.59
CA GLY A 366 0.52 7.22 -1.31
C GLY A 366 -0.66 8.15 -1.14
N GLY A 367 -1.85 7.57 -1.24
CA GLY A 367 -3.09 8.29 -1.08
C GLY A 367 -3.74 7.83 0.21
N PHE A 368 -5.05 8.01 0.34
CA PHE A 368 -5.73 7.63 1.57
C PHE A 368 -5.60 6.18 1.99
N HIS A 369 -5.69 5.26 1.05
CA HIS A 369 -5.60 3.83 1.37
C HIS A 369 -4.20 3.46 1.87
N CYS A 370 -3.16 4.02 1.25
CA CYS A 370 -1.80 3.74 1.65
C CYS A 370 -1.40 4.36 2.99
N TRP A 371 -1.87 5.59 3.23
CA TRP A 371 -1.53 6.30 4.46
C TRP A 371 -2.24 5.75 5.70
N THR A 372 -3.04 4.70 5.51
CA THR A 372 -3.78 4.12 6.63
C THR A 372 -3.75 2.60 6.68
N CYS A 373 -4.21 2.07 7.81
CA CYS A 373 -4.39 0.65 7.97
C CYS A 373 -5.63 0.57 8.85
N ASP A 374 -6.72 0.06 8.28
CA ASP A 374 -7.98 -0.11 9.03
C ASP A 374 -7.81 -1.28 10.01
N VAL A 375 -7.88 -0.95 11.29
CA VAL A 375 -7.72 -1.92 12.37
C VAL A 375 -9.04 -2.56 12.77
N ARG A 376 -10.12 -1.77 12.76
CA ARG A 376 -11.44 -2.26 13.13
C ARG A 376 -12.54 -1.61 12.29
N ARG A 377 -13.36 -2.45 11.66
CA ARG A 377 -14.51 -2.07 10.85
C ARG A 377 -15.63 -2.92 11.42
N ARG A 378 -16.81 -2.36 11.60
CA ARG A 378 -17.91 -3.11 12.14
C ARG A 378 -18.51 -4.02 11.04
N GLY A 379 -18.41 -5.33 11.23
CA GLY A 379 -18.95 -6.28 10.25
C GLY A 379 -18.61 -7.74 10.50
N THR A 380 -19.00 -8.61 9.58
CA THR A 380 -18.72 -10.04 9.73
C THR A 380 -17.99 -10.60 8.52
N LEU A 381 -17.50 -11.83 8.66
CA LEU A 381 -16.79 -12.48 7.56
C LEU A 381 -17.79 -13.03 6.56
N GLN A 382 -17.69 -12.60 5.32
CA GLN A 382 -18.61 -13.08 4.30
C GLN A 382 -17.87 -13.38 3.03
N SER A 383 -18.56 -14.02 2.09
CA SER A 383 -18.00 -14.30 0.77
C SER A 383 -18.78 -13.36 -0.17
N TYR A 384 -18.09 -12.81 -1.17
CA TYR A 384 -18.72 -11.89 -2.11
C TYR A 384 -18.46 -12.36 -3.53
N LEU A 385 -17.77 -13.48 -3.65
CA LEU A 385 -17.46 -14.05 -4.94
C LEU A 385 -18.39 -15.23 -5.06
N ASP A 386 -19.20 -15.39 -4.01
CA ASP A 386 -20.19 -16.47 -3.86
C ASP A 386 -19.51 -17.79 -3.55
#